data_2VF4
#
_entry.id   2VF4
#
_cell.length_a   144.704
_cell.length_b   144.704
_cell.length_c   171.779
_cell.angle_alpha   90.00
_cell.angle_beta   90.00
_cell.angle_gamma   120.00
#
_symmetry.space_group_name_H-M   'H 3 2'
#
loop_
_entity.id
_entity.type
_entity.pdbx_description
1 polymer 'GLUCOSAMINE--FRUCTOSE-6-PHOSPHATE AMINOTRANSFERASE'
2 water water
#
_entity_poly.entity_id   1
_entity_poly.type   'polypeptide(L)'
_entity_poly.pdbx_seq_one_letter_code
;CGIVGAIAQRDVAEILLEGLRRLEYRGYDSAGLAVVDAEGHMTRLRRLGKVQMLAQAAEEHPLHGGTGIAHTRWATHGEP
SEVNAHPHVSEHIVVVHNGIIENHEPLREELKARGYTFVSETDTEVIAHLVNWELKQGGTLREAVLRAIPQLRGAYGTVI
MDSRHPDTLLAARSGSPLVIGLGMGENFIASDQLALLPVTRRFIFLEEGDIAEITRRSVNIFDKTGAEVKRQDIESNLQY
DAGDKGIYRHYMQKEIYEQPNAIKNTLTGRISHGQVDLSELGPNADELLSKVEHIQILACGTSYNSGMVSRYWFESLAGI
PCDVEIASEFRYRKSAVRRNSLMITLSQSGETADTLAGLRLSKELGYLGSLAICNVPGSSLVRESDLALMTNAGTEIGVA
STKAFTTQLTVLLMLVAKLSRLKGLDASIEHDIVHGLQALPSRIEQMLSQDKRIEALAEDFSDKHHALFLGRGDQYPIAL
EGALKLKEISYIHAEAYAAGELKHGPLALIDADMPVIVVAPNNELLEKLKSNIEEVRARGGQLYVFADQDAGFVSSDNMH
IIEMPHVEEVIAPIFYTVPLQLLAYHVALIKGTDVDQPRNLAKSVTVE
;
_entity_poly.pdbx_strand_id   X
#
# COMPACT_ATOMS: atom_id res chain seq x y z
N GLY A 243 -18.13 6.93 -15.32
CA GLY A 243 -17.95 5.47 -15.01
C GLY A 243 -19.23 4.66 -15.23
N ASP A 244 -19.16 3.70 -16.16
CA ASP A 244 -20.25 2.75 -16.37
C ASP A 244 -19.82 1.48 -15.67
N LYS A 245 -20.76 0.82 -15.00
CA LYS A 245 -20.38 -0.34 -14.20
C LYS A 245 -19.86 -1.54 -15.01
N GLY A 246 -20.47 -1.80 -16.17
CA GLY A 246 -20.08 -2.93 -17.01
C GLY A 246 -20.42 -4.24 -16.32
N ILE A 247 -19.50 -5.21 -16.37
CA ILE A 247 -19.82 -6.57 -15.87
C ILE A 247 -20.10 -6.65 -14.34
N TYR A 248 -19.43 -5.77 -13.58
CA TYR A 248 -19.36 -5.76 -12.12
C TYR A 248 -20.57 -5.34 -11.30
N ARG A 249 -20.61 -5.79 -10.07
CA ARG A 249 -21.63 -5.34 -9.16
C ARG A 249 -21.34 -3.92 -8.66
N HIS A 250 -20.08 -3.61 -8.31
CA HIS A 250 -19.70 -2.29 -7.76
C HIS A 250 -18.43 -1.71 -8.35
N TYR A 251 -18.38 -0.38 -8.33
CA TYR A 251 -17.21 0.36 -8.80
C TYR A 251 -15.98 -0.15 -8.16
N MET A 252 -16.12 -0.48 -6.89
CA MET A 252 -14.98 -0.88 -6.14
C MET A 252 -14.46 -2.20 -6.68
N GLN A 253 -15.34 -3.17 -6.83
CA GLN A 253 -15.01 -4.45 -7.41
C GLN A 253 -14.30 -4.16 -8.71
N LYS A 254 -14.99 -3.41 -9.55
CA LYS A 254 -14.44 -2.97 -10.84
C LYS A 254 -13.03 -2.44 -10.77
N GLU A 255 -12.81 -1.47 -9.91
CA GLU A 255 -11.49 -0.93 -9.74
C GLU A 255 -10.48 -1.98 -9.36
N ILE A 256 -10.88 -2.94 -8.52
CA ILE A 256 -9.95 -3.99 -8.06
C ILE A 256 -9.61 -4.79 -9.31
N TYR A 257 -10.65 -5.23 -10.01
CA TYR A 257 -10.46 -5.99 -11.20
C TYR A 257 -9.76 -5.20 -12.32
N GLU A 258 -9.94 -3.88 -12.41
CA GLU A 258 -9.11 -3.05 -13.28
C GLU A 258 -7.64 -2.94 -12.84
N GLN A 259 -7.26 -3.49 -11.69
CA GLN A 259 -5.92 -3.13 -11.16
C GLN A 259 -4.76 -3.43 -12.12
N PRO A 260 -4.67 -4.68 -12.63
CA PRO A 260 -3.62 -5.04 -13.59
C PRO A 260 -3.51 -4.01 -14.76
N ASN A 261 -4.61 -3.77 -15.47
CA ASN A 261 -4.64 -2.76 -16.53
C ASN A 261 -4.09 -1.42 -16.10
N ALA A 262 -4.90 -0.64 -15.37
CA ALA A 262 -4.39 0.56 -14.74
C ALA A 262 -2.87 0.51 -14.44
N ILE A 263 -2.37 -0.53 -13.78
CA ILE A 263 -0.91 -0.68 -13.62
C ILE A 263 -0.15 -0.76 -14.97
N LYS A 264 -0.82 -1.25 -16.03
CA LYS A 264 -0.25 -1.20 -17.38
C LYS A 264 0.08 0.26 -17.66
N ASN A 265 -0.99 1.08 -17.71
CA ASN A 265 -0.98 2.51 -18.05
C ASN A 265 0.04 3.33 -17.28
N THR A 266 0.19 3.02 -15.99
CA THR A 266 1.15 3.70 -15.14
C THR A 266 2.58 3.27 -15.45
N LEU A 267 2.72 2.55 -16.55
CA LEU A 267 4.00 2.01 -16.96
C LEU A 267 4.24 2.39 -18.44
N THR A 268 3.13 2.50 -19.17
CA THR A 268 3.12 2.87 -20.58
C THR A 268 4.05 4.05 -20.80
N GLY A 269 5.19 3.75 -21.43
CA GLY A 269 6.16 4.76 -21.82
C GLY A 269 6.95 5.38 -20.68
N ARG A 270 7.06 4.62 -19.59
CA ARG A 270 7.86 5.01 -18.44
C ARG A 270 8.90 3.93 -18.29
N ILE A 271 8.55 2.79 -18.86
CA ILE A 271 9.48 1.75 -19.31
C ILE A 271 9.67 1.93 -20.84
N SER A 272 10.90 2.24 -21.26
CA SER A 272 11.42 2.01 -22.64
C SER A 272 12.98 1.89 -22.73
N HIS A 273 13.48 1.10 -23.70
CA HIS A 273 14.75 0.35 -23.55
C HIS A 273 14.81 -0.38 -22.16
N GLY A 274 13.73 -1.09 -21.84
CA GLY A 274 13.55 -1.78 -20.57
C GLY A 274 14.20 -1.11 -19.36
N GLN A 275 13.84 0.16 -19.09
CA GLN A 275 14.37 0.91 -17.94
C GLN A 275 13.36 2.00 -17.45
N VAL A 276 13.72 2.76 -16.40
CA VAL A 276 12.81 3.81 -15.91
C VAL A 276 13.03 5.17 -16.58
N ASP A 277 12.11 5.52 -17.49
CA ASP A 277 12.13 6.82 -18.17
C ASP A 277 11.21 7.84 -17.49
N LEU A 278 11.79 8.87 -16.87
CA LEU A 278 10.97 9.90 -16.20
C LEU A 278 11.08 11.24 -16.95
N SER A 279 10.48 11.18 -18.14
CA SER A 279 10.69 12.09 -19.26
C SER A 279 9.56 13.12 -19.40
N GLU A 280 8.38 12.80 -18.86
CA GLU A 280 7.30 13.80 -18.78
C GLU A 280 7.68 14.85 -17.74
N LEU A 281 8.53 14.46 -16.78
CA LEU A 281 9.19 15.34 -15.83
C LEU A 281 9.77 16.65 -16.42
N GLY A 282 10.17 16.63 -17.70
CA GLY A 282 10.77 17.81 -18.35
C GLY A 282 12.24 17.99 -18.01
N PRO A 283 13.01 18.68 -18.86
CA PRO A 283 14.48 18.75 -18.69
C PRO A 283 15.02 19.35 -17.36
N ASN A 284 14.20 20.08 -16.60
CA ASN A 284 14.58 20.63 -15.28
C ASN A 284 14.41 19.66 -14.10
N ALA A 285 14.44 18.36 -14.40
CA ALA A 285 14.10 17.35 -13.41
C ALA A 285 15.32 16.91 -12.59
N ASP A 286 16.35 16.43 -13.30
CA ASP A 286 17.38 15.54 -12.74
C ASP A 286 18.46 16.22 -11.82
N GLU A 287 18.46 17.56 -11.80
CA GLU A 287 19.31 18.43 -10.97
C GLU A 287 19.38 17.98 -9.52
N LEU A 288 18.84 18.87 -8.68
CA LEU A 288 17.92 18.52 -7.60
C LEU A 288 17.94 17.09 -7.02
N LEU A 289 17.36 16.13 -7.75
CA LEU A 289 17.10 14.79 -7.21
C LEU A 289 18.40 14.12 -6.76
N SER A 290 19.50 14.54 -7.41
CA SER A 290 20.85 14.07 -7.14
C SER A 290 21.36 14.60 -5.79
N LYS A 291 20.92 15.81 -5.41
CA LYS A 291 21.37 16.46 -4.17
C LYS A 291 20.49 16.14 -2.93
N VAL A 292 19.53 15.22 -3.10
CA VAL A 292 18.63 14.76 -2.02
C VAL A 292 19.35 13.82 -1.01
N GLU A 293 19.26 14.14 0.28
CA GLU A 293 19.71 13.23 1.36
C GLU A 293 18.62 12.92 2.39
N HIS A 294 17.36 13.18 2.01
CA HIS A 294 16.16 12.92 2.81
C HIS A 294 14.88 13.08 1.98
N ILE A 295 13.92 12.18 2.23
CA ILE A 295 12.58 12.28 1.64
C ILE A 295 11.47 12.52 2.68
N GLN A 296 10.58 13.46 2.40
CA GLN A 296 9.37 13.61 3.21
C GLN A 296 8.12 13.45 2.38
N ILE A 297 7.33 12.44 2.77
CA ILE A 297 6.12 12.10 2.10
C ILE A 297 5.00 12.69 2.91
N LEU A 298 3.84 12.94 2.30
CA LEU A 298 2.79 13.64 3.05
C LEU A 298 1.38 13.42 2.53
N ALA A 299 0.57 12.56 3.20
CA ALA A 299 -0.82 12.33 2.76
C ALA A 299 -1.79 11.85 3.79
N CYS A 300 -3.04 11.61 3.33
CA CYS A 300 -4.14 11.05 4.12
C CYS A 300 -4.56 9.67 3.74
N GLY A 301 -5.72 9.25 4.26
CA GLY A 301 -6.36 7.98 3.97
C GLY A 301 -5.41 6.91 3.53
N THR A 302 -5.76 6.27 2.43
CA THR A 302 -4.97 5.17 1.90
C THR A 302 -3.64 5.61 1.31
N SER A 303 -3.66 6.81 0.70
CA SER A 303 -2.48 7.42 0.12
C SER A 303 -1.35 7.46 1.14
N TYR A 304 -1.68 7.57 2.41
CA TYR A 304 -0.67 7.56 3.45
C TYR A 304 0.02 6.19 3.59
N ASN A 305 -0.79 5.13 3.53
CA ASN A 305 -0.30 3.73 3.61
C ASN A 305 0.61 3.37 2.42
N SER A 306 0.24 3.84 1.21
CA SER A 306 1.12 3.62 0.06
C SER A 306 2.45 4.28 0.34
N GLY A 307 2.37 5.52 0.82
CA GLY A 307 3.56 6.26 1.22
C GLY A 307 4.45 5.52 2.20
N MET A 308 3.80 4.84 3.15
CA MET A 308 4.47 4.21 4.29
C MET A 308 5.27 3.03 3.81
N VAL A 309 4.82 2.50 2.70
CA VAL A 309 5.29 1.24 2.15
C VAL A 309 6.60 1.63 1.57
N SER A 310 6.47 2.55 0.63
CA SER A 310 7.60 3.08 -0.13
C SER A 310 8.68 3.65 0.73
N ARG A 311 8.38 4.05 1.94
CA ARG A 311 9.47 4.39 2.82
C ARG A 311 10.44 3.24 2.91
N TYR A 312 10.00 2.09 3.39
CA TYR A 312 10.86 0.90 3.55
C TYR A 312 11.78 0.67 2.39
N TRP A 313 11.26 1.00 1.19
CA TRP A 313 11.92 0.80 -0.08
C TRP A 313 13.15 1.66 -0.10
N PHE A 314 12.95 2.98 -0.28
CA PHE A 314 14.02 3.97 -0.13
C PHE A 314 15.09 3.50 0.87
N GLU A 315 14.84 3.60 2.16
CA GLU A 315 15.88 3.24 3.13
C GLU A 315 16.78 2.01 2.78
N SER A 316 16.15 0.90 2.39
CA SER A 316 16.93 -0.31 1.99
C SER A 316 17.49 -0.39 0.50
N LEU A 317 16.68 0.09 -0.45
CA LEU A 317 16.96 -0.03 -1.88
C LEU A 317 17.79 1.14 -2.45
N ALA A 318 17.24 2.35 -2.36
CA ALA A 318 17.98 3.56 -2.78
C ALA A 318 18.87 4.23 -1.68
N GLY A 319 18.86 3.68 -0.44
CA GLY A 319 19.67 4.14 0.69
C GLY A 319 19.47 5.60 1.09
N ILE A 320 18.30 6.14 0.74
CA ILE A 320 17.91 7.53 0.97
C ILE A 320 16.94 7.62 2.15
N PRO A 321 17.33 8.30 3.24
CA PRO A 321 16.40 8.52 4.39
C PRO A 321 14.97 8.99 4.02
N CYS A 322 14.01 8.28 4.60
CA CYS A 322 12.62 8.56 4.34
C CYS A 322 11.83 8.69 5.59
N ASP A 323 10.95 9.68 5.56
CA ASP A 323 10.02 10.01 6.65
C ASP A 323 8.60 10.26 6.16
N VAL A 324 7.67 9.63 6.88
CA VAL A 324 6.26 9.70 6.52
C VAL A 324 5.38 10.42 7.52
N GLU A 325 4.47 11.24 7.03
CA GLU A 325 3.60 11.92 7.95
C GLU A 325 2.20 12.11 7.44
N ILE A 326 1.27 12.08 8.39
CA ILE A 326 -0.12 12.30 8.08
C ILE A 326 -0.28 13.80 7.85
N ALA A 327 -0.89 14.15 6.73
CA ALA A 327 -1.03 15.53 6.35
C ALA A 327 -1.37 16.42 7.57
N SER A 328 -2.56 16.22 8.17
CA SER A 328 -2.98 16.96 9.36
C SER A 328 -1.96 16.96 10.49
N GLU A 329 -1.16 15.92 10.68
CA GLU A 329 -0.30 15.92 11.86
C GLU A 329 0.81 16.91 11.65
N PHE A 330 1.27 16.98 10.38
CA PHE A 330 2.30 17.89 9.81
C PHE A 330 1.97 19.35 9.92
N ARG A 331 0.90 19.75 9.26
CA ARG A 331 0.51 21.14 9.27
C ARG A 331 0.21 21.79 10.63
N TYR A 332 0.42 21.10 11.74
CA TYR A 332 0.35 21.76 13.06
C TYR A 332 1.38 21.22 14.04
N ARG A 333 2.64 21.17 13.64
CA ARG A 333 3.76 21.05 14.58
C ARG A 333 4.85 21.94 14.00
N LYS A 334 5.63 22.61 14.84
CA LYS A 334 6.87 23.16 14.34
C LYS A 334 7.75 21.93 14.07
N SER A 335 7.91 21.60 12.78
CA SER A 335 8.68 20.43 12.35
C SER A 335 10.14 20.85 12.11
N ALA A 336 11.12 20.10 12.62
CA ALA A 336 12.52 20.31 12.19
C ALA A 336 12.58 19.89 10.72
N VAL A 337 13.24 20.68 9.89
CA VAL A 337 13.51 20.23 8.51
C VAL A 337 14.87 19.56 8.41
N ARG A 338 14.88 18.62 7.48
CA ARG A 338 16.01 17.80 7.14
C ARG A 338 16.87 18.54 6.10
N ARG A 339 18.19 18.43 6.26
CA ARG A 339 19.06 19.03 5.28
C ARG A 339 18.73 18.43 3.92
N ASN A 340 18.36 19.33 3.00
CA ASN A 340 18.04 19.00 1.61
C ASN A 340 16.97 17.97 1.62
N SER A 341 15.73 18.38 1.36
CA SER A 341 14.56 17.52 1.56
C SER A 341 13.57 17.64 0.39
N LEU A 342 13.02 16.50 -0.03
CA LEU A 342 12.00 16.50 -1.08
C LEU A 342 10.52 16.35 -0.53
N MET A 343 9.64 17.22 -1.03
CA MET A 343 8.22 17.09 -0.78
C MET A 343 7.47 16.25 -1.84
N ILE A 344 7.65 14.93 -1.70
CA ILE A 344 6.69 13.95 -2.24
C ILE A 344 5.44 14.06 -1.42
N THR A 345 4.40 14.47 -2.11
CA THR A 345 3.11 14.55 -1.54
C THR A 345 2.24 13.66 -2.37
N LEU A 346 2.04 12.46 -1.84
CA LEU A 346 1.11 11.48 -2.36
C LEU A 346 -0.32 11.91 -2.16
N SER A 347 -1.16 11.65 -3.14
CA SER A 347 -2.54 12.04 -3.09
C SER A 347 -3.24 11.47 -4.29
N GLN A 348 -4.52 11.10 -4.14
CA GLN A 348 -5.34 10.76 -5.29
C GLN A 348 -5.60 12.05 -6.04
N SER A 349 -6.85 12.52 -6.05
CA SER A 349 -7.29 13.63 -6.90
C SER A 349 -6.71 15.09 -6.64
N GLY A 350 -5.73 15.15 -5.72
CA GLY A 350 -4.83 16.29 -5.64
C GLY A 350 -5.58 17.57 -5.34
N GLU A 351 -6.55 17.45 -4.42
CA GLU A 351 -7.45 18.54 -3.99
C GLU A 351 -7.69 18.43 -2.48
N THR A 352 -7.67 17.17 -1.99
CA THR A 352 -7.48 16.82 -0.58
C THR A 352 -7.04 18.06 0.23
N ALA A 353 -7.95 18.54 1.08
CA ALA A 353 -7.73 19.86 1.72
C ALA A 353 -6.37 19.93 2.47
N ASP A 354 -6.06 18.85 3.15
CA ASP A 354 -5.03 18.82 4.18
C ASP A 354 -3.62 18.78 3.62
N THR A 355 -3.37 17.86 2.69
CA THR A 355 -2.08 17.80 1.98
C THR A 355 -1.78 19.15 1.36
N LEU A 356 -2.77 19.64 0.59
CA LEU A 356 -2.67 20.88 -0.20
C LEU A 356 -1.88 21.97 0.52
N ALA A 357 -2.26 22.22 1.78
CA ALA A 357 -1.64 23.23 2.64
C ALA A 357 -0.44 22.68 3.41
N GLY A 358 -0.41 21.37 3.61
CA GLY A 358 0.80 20.64 4.00
C GLY A 358 1.98 21.09 3.14
N LEU A 359 1.82 20.92 1.82
CA LEU A 359 2.79 21.42 0.82
C LEU A 359 3.24 22.85 0.97
N ARG A 360 2.25 23.75 0.97
CA ARG A 360 2.48 25.18 1.06
C ARG A 360 3.40 25.54 2.23
N LEU A 361 3.12 25.01 3.41
CA LEU A 361 4.02 25.16 4.55
C LEU A 361 5.50 24.81 4.26
N SER A 362 5.76 23.98 3.24
CA SER A 362 7.14 23.54 2.96
C SER A 362 7.91 24.59 2.18
N LYS A 363 7.22 25.21 1.21
CA LYS A 363 7.70 26.38 0.48
C LYS A 363 8.42 27.27 1.48
N GLU A 364 7.64 27.75 2.45
CA GLU A 364 8.16 28.68 3.46
C GLU A 364 9.01 27.99 4.55
N LEU A 365 9.10 26.66 4.52
CA LEU A 365 10.04 25.94 5.40
C LEU A 365 11.40 25.63 4.73
N GLY A 366 11.55 26.07 3.47
CA GLY A 366 12.76 25.82 2.71
C GLY A 366 13.02 24.35 2.39
N TYR A 367 12.05 23.67 1.76
CA TYR A 367 12.31 22.34 1.20
C TYR A 367 12.90 22.54 -0.21
N LEU A 368 13.91 21.73 -0.57
CA LEU A 368 14.46 21.71 -1.94
C LEU A 368 13.37 21.79 -3.01
N GLY A 369 12.26 21.08 -2.76
CA GLY A 369 11.09 21.27 -3.58
C GLY A 369 10.15 20.10 -3.57
N SER A 370 9.24 20.14 -4.54
CA SER A 370 8.03 19.37 -4.50
C SER A 370 7.83 18.46 -5.70
N LEU A 371 8.00 17.14 -5.51
CA LEU A 371 7.37 16.18 -6.43
C LEU A 371 6.04 15.77 -5.85
N ALA A 372 4.96 16.06 -6.58
CA ALA A 372 3.62 15.57 -6.28
C ALA A 372 3.52 14.24 -6.96
N ILE A 373 2.74 13.34 -6.38
CA ILE A 373 2.26 12.14 -7.10
C ILE A 373 0.79 12.13 -6.87
N CYS A 374 0.05 12.00 -7.94
CA CYS A 374 -1.37 12.20 -7.90
C CYS A 374 -1.93 11.74 -9.25
N ASN A 375 -3.24 11.93 -9.45
CA ASN A 375 -3.96 11.27 -10.55
C ASN A 375 -5.09 12.05 -11.29
N VAL A 376 -4.99 13.39 -11.34
CA VAL A 376 -5.97 14.28 -12.03
C VAL A 376 -5.18 15.45 -12.59
N PRO A 377 -5.37 15.76 -13.90
CA PRO A 377 -4.60 16.79 -14.63
C PRO A 377 -4.90 18.25 -14.22
N GLY A 378 -3.85 19.02 -13.89
CA GLY A 378 -3.96 20.45 -13.58
C GLY A 378 -4.58 20.94 -12.26
N SER A 379 -5.31 20.08 -11.53
CA SER A 379 -5.98 20.49 -10.27
C SER A 379 -5.03 20.80 -9.09
N SER A 380 -5.54 21.62 -8.16
CA SER A 380 -4.76 22.47 -7.22
C SER A 380 -3.39 21.98 -6.71
N LEU A 381 -3.28 20.69 -6.49
CA LEU A 381 -2.00 20.13 -6.11
C LEU A 381 -1.09 20.03 -7.31
N VAL A 382 -1.59 19.45 -8.41
CA VAL A 382 -0.84 19.40 -9.67
C VAL A 382 -0.29 20.80 -10.02
N ARG A 383 -1.16 21.82 -10.02
CA ARG A 383 -0.74 23.16 -10.45
C ARG A 383 0.43 23.71 -9.61
N GLU A 384 0.41 23.55 -8.29
CA GLU A 384 1.43 24.22 -7.45
C GLU A 384 2.67 23.36 -7.08
N SER A 385 2.75 22.14 -7.64
CA SER A 385 3.88 21.26 -7.37
C SER A 385 4.90 21.54 -8.46
N ASP A 386 6.22 21.41 -8.22
CA ASP A 386 7.26 21.59 -9.29
C ASP A 386 7.10 20.53 -10.40
N LEU A 387 7.09 19.27 -9.96
CA LEU A 387 7.16 18.05 -10.78
C LEU A 387 5.96 17.11 -10.53
N ALA A 388 5.39 16.57 -11.63
CA ALA A 388 4.21 15.67 -11.62
C ALA A 388 4.49 14.25 -12.11
N LEU A 389 3.65 13.33 -11.64
CA LEU A 389 3.81 11.92 -11.96
C LEU A 389 2.47 11.24 -12.11
N MET A 390 1.59 11.90 -12.85
CA MET A 390 0.24 11.41 -13.13
C MET A 390 0.18 9.88 -13.26
N THR A 391 -0.44 9.23 -12.28
CA THR A 391 -0.55 7.77 -12.29
C THR A 391 -1.64 7.25 -13.28
N ASN A 392 -2.30 8.17 -14.01
CA ASN A 392 -3.54 7.93 -14.84
C ASN A 392 -4.21 6.57 -14.67
N ALA A 393 -5.17 6.53 -13.76
CA ALA A 393 -5.75 5.28 -13.39
C ALA A 393 -7.10 5.06 -14.12
N GLY A 394 -7.52 6.04 -14.90
CA GLY A 394 -8.94 6.17 -15.19
C GLY A 394 -9.40 6.63 -13.82
N THR A 395 -10.66 6.98 -13.62
CA THR A 395 -11.00 7.54 -12.33
C THR A 395 -11.49 6.48 -11.35
N GLU A 396 -11.35 6.77 -10.06
CA GLU A 396 -11.86 5.86 -9.00
C GLU A 396 -13.17 6.43 -8.45
N ILE A 397 -14.32 5.76 -8.65
CA ILE A 397 -15.62 6.26 -8.12
C ILE A 397 -15.95 5.72 -6.68
N GLY A 398 -15.56 4.48 -6.40
CA GLY A 398 -15.79 3.91 -5.09
C GLY A 398 -14.98 4.72 -4.09
N VAL A 399 -15.53 4.96 -2.90
CA VAL A 399 -14.82 5.81 -1.95
C VAL A 399 -13.64 5.09 -1.32
N ALA A 400 -13.66 3.77 -1.33
CA ALA A 400 -12.47 3.09 -0.92
C ALA A 400 -11.41 2.98 -2.05
N SER A 401 -10.30 3.71 -1.89
CA SER A 401 -9.12 3.60 -2.75
C SER A 401 -8.64 2.14 -2.98
N THR A 402 -8.64 1.72 -4.23
CA THR A 402 -8.16 0.41 -4.54
C THR A 402 -7.01 0.54 -5.47
N LYS A 403 -7.30 0.92 -6.73
CA LYS A 403 -6.28 1.01 -7.82
C LYS A 403 -5.34 2.15 -7.55
N ALA A 404 -5.96 3.27 -7.22
CA ALA A 404 -5.26 4.41 -6.67
C ALA A 404 -4.14 4.04 -5.67
N PHE A 405 -4.29 2.95 -4.94
CA PHE A 405 -3.24 2.56 -4.03
C PHE A 405 -2.12 1.90 -4.77
N THR A 406 -2.45 0.82 -5.50
CA THR A 406 -1.48 0.06 -6.29
C THR A 406 -0.71 0.96 -7.25
N THR A 407 -1.40 1.81 -8.03
CA THR A 407 -0.72 2.69 -8.98
C THR A 407 0.25 3.59 -8.21
N GLN A 408 -0.21 4.31 -7.20
CA GLN A 408 0.70 5.11 -6.40
C GLN A 408 1.88 4.32 -5.90
N LEU A 409 1.65 3.08 -5.56
CA LEU A 409 2.78 2.27 -5.13
C LEU A 409 3.81 2.03 -6.28
N THR A 410 3.28 1.75 -7.47
CA THR A 410 4.07 1.59 -8.66
C THR A 410 4.99 2.81 -8.92
N VAL A 411 4.39 4.00 -8.93
CA VAL A 411 5.14 5.21 -9.24
C VAL A 411 6.13 5.42 -8.13
N LEU A 412 5.65 5.50 -6.89
CA LEU A 412 6.61 5.36 -5.83
C LEU A 412 7.77 4.42 -6.26
N LEU A 413 7.43 3.30 -6.90
CA LEU A 413 8.47 2.30 -7.12
C LEU A 413 9.45 2.72 -8.22
N MET A 414 8.93 3.32 -9.27
CA MET A 414 9.78 3.81 -10.34
C MET A 414 10.74 4.82 -9.72
N LEU A 415 10.19 5.92 -9.22
CA LEU A 415 11.00 6.89 -8.51
C LEU A 415 12.04 6.32 -7.57
N VAL A 416 11.74 5.22 -6.91
CA VAL A 416 12.81 4.58 -6.17
C VAL A 416 13.98 4.25 -7.12
N ALA A 417 13.67 3.68 -8.31
CA ALA A 417 14.63 3.33 -9.35
C ALA A 417 15.37 4.53 -9.94
N LYS A 418 14.65 5.55 -10.41
CA LYS A 418 15.28 6.78 -10.90
C LYS A 418 16.35 7.30 -9.93
N LEU A 419 16.02 7.34 -8.66
CA LEU A 419 16.93 7.84 -7.63
C LEU A 419 18.08 6.90 -7.31
N SER A 420 17.91 5.60 -7.48
CA SER A 420 18.96 4.64 -7.08
C SER A 420 20.19 4.69 -8.02
N ARG A 421 19.91 5.01 -9.28
CA ARG A 421 20.90 5.23 -10.31
C ARG A 421 21.50 6.64 -10.16
N LEU A 422 20.63 7.65 -9.98
CA LEU A 422 21.04 9.09 -9.89
C LEU A 422 21.92 9.37 -8.64
N LYS A 423 22.55 8.30 -8.14
CA LYS A 423 23.24 8.27 -6.86
C LYS A 423 24.35 7.23 -6.94
N GLY A 424 24.40 6.51 -8.05
CA GLY A 424 25.55 5.68 -8.40
C GLY A 424 25.41 4.18 -8.29
N LEU A 425 24.69 3.74 -7.26
CA LEU A 425 24.56 2.33 -6.81
C LEU A 425 24.25 1.25 -7.88
N ASP A 426 24.29 -0.01 -7.39
CA ASP A 426 24.51 -1.22 -8.20
C ASP A 426 23.84 -1.41 -9.59
N ALA A 427 23.05 -0.39 -9.99
CA ALA A 427 22.11 -0.42 -11.15
C ALA A 427 21.38 -1.74 -11.53
N SER A 428 21.69 -2.82 -10.80
CA SER A 428 20.96 -4.08 -10.82
C SER A 428 19.73 -3.83 -10.01
N ILE A 429 19.98 -3.10 -8.93
CA ILE A 429 18.99 -2.59 -8.02
C ILE A 429 17.95 -1.73 -8.76
N GLU A 430 18.27 -1.15 -9.93
CA GLU A 430 17.21 -0.63 -10.81
C GLU A 430 16.41 -1.77 -11.47
N HIS A 431 17.12 -2.79 -11.94
CA HIS A 431 16.56 -3.79 -12.86
C HIS A 431 15.61 -4.76 -12.19
N ASP A 432 15.96 -5.19 -10.97
CA ASP A 432 15.04 -5.90 -10.07
C ASP A 432 13.69 -5.22 -10.06
N ILE A 433 13.71 -3.95 -9.66
CA ILE A 433 12.53 -3.10 -9.74
C ILE A 433 11.90 -3.24 -11.13
N VAL A 434 12.66 -2.94 -12.17
CA VAL A 434 12.10 -3.03 -13.51
C VAL A 434 11.51 -4.41 -13.87
N HIS A 435 12.22 -5.49 -13.53
CA HIS A 435 11.67 -6.85 -13.71
C HIS A 435 10.33 -7.03 -13.00
N GLY A 436 10.38 -6.95 -11.66
CA GLY A 436 9.20 -7.04 -10.83
C GLY A 436 8.12 -6.12 -11.32
N LEU A 437 8.56 -4.92 -11.70
CA LEU A 437 7.70 -3.92 -12.27
C LEU A 437 6.91 -4.47 -13.47
N GLN A 438 7.58 -5.15 -14.42
CA GLN A 438 6.92 -5.79 -15.58
C GLN A 438 6.16 -7.12 -15.30
N ALA A 439 6.69 -7.90 -14.35
CA ALA A 439 5.95 -9.04 -13.78
C ALA A 439 4.55 -8.65 -13.32
N LEU A 440 4.51 -7.49 -12.65
CA LEU A 440 3.46 -7.12 -11.73
C LEU A 440 2.05 -7.25 -12.30
N PRO A 441 1.74 -6.60 -13.42
CA PRO A 441 0.37 -6.61 -13.95
C PRO A 441 -0.27 -8.01 -14.03
N SER A 442 0.46 -9.01 -14.53
CA SER A 442 -0.13 -10.33 -14.59
C SER A 442 0.04 -11.12 -13.27
N ARG A 443 0.86 -10.64 -12.33
CA ARG A 443 0.94 -11.28 -11.04
C ARG A 443 -0.30 -10.90 -10.29
N ILE A 444 -0.81 -9.70 -10.55
CA ILE A 444 -2.07 -9.40 -9.95
C ILE A 444 -3.19 -10.25 -10.56
N GLU A 445 -3.10 -10.56 -11.85
CA GLU A 445 -4.17 -11.35 -12.45
C GLU A 445 -4.13 -12.71 -11.84
N GLN A 446 -2.96 -13.12 -11.38
CA GLN A 446 -2.77 -14.38 -10.62
C GLN A 446 -3.67 -14.44 -9.37
N MET A 447 -3.41 -13.44 -8.53
CA MET A 447 -4.17 -13.11 -7.39
C MET A 447 -5.64 -12.86 -7.66
N LEU A 448 -5.97 -12.10 -8.68
CA LEU A 448 -7.39 -11.99 -9.00
C LEU A 448 -8.12 -13.36 -9.21
N SER A 449 -7.43 -14.34 -9.78
CA SER A 449 -8.07 -15.62 -10.12
C SER A 449 -8.43 -16.37 -8.84
N GLN A 450 -7.53 -16.20 -7.87
CA GLN A 450 -7.70 -16.63 -6.47
C GLN A 450 -8.92 -16.02 -5.76
N ASP A 451 -9.60 -15.09 -6.46
CA ASP A 451 -10.83 -14.58 -5.91
C ASP A 451 -11.57 -15.63 -5.00
N LYS A 452 -12.31 -16.55 -5.62
CA LYS A 452 -13.07 -17.61 -4.97
C LYS A 452 -12.46 -18.04 -3.63
N ARG A 453 -11.17 -18.28 -3.58
CA ARG A 453 -10.65 -18.89 -2.40
C ARG A 453 -10.79 -17.89 -1.27
N ILE A 454 -10.98 -16.62 -1.59
CA ILE A 454 -11.07 -15.48 -0.61
C ILE A 454 -12.51 -15.27 -0.19
N GLU A 455 -13.41 -15.26 -1.17
CA GLU A 455 -14.83 -15.47 -0.85
C GLU A 455 -14.97 -16.55 0.26
N ALA A 456 -14.16 -17.60 0.25
CA ALA A 456 -14.25 -18.59 1.33
C ALA A 456 -13.88 -17.95 2.65
N LEU A 457 -12.71 -17.34 2.71
CA LEU A 457 -12.20 -17.06 3.98
C LEU A 457 -13.08 -15.95 4.56
N ALA A 458 -13.72 -15.13 3.74
CA ALA A 458 -14.47 -14.01 4.29
C ALA A 458 -15.60 -14.47 5.16
N GLU A 459 -16.08 -15.67 4.88
CA GLU A 459 -17.06 -16.30 5.78
C GLU A 459 -16.55 -16.42 7.21
N ASP A 460 -15.32 -16.89 7.35
CA ASP A 460 -14.63 -16.81 8.61
C ASP A 460 -14.66 -15.41 9.17
N PHE A 461 -14.88 -14.36 8.38
CA PHE A 461 -14.74 -12.99 8.99
C PHE A 461 -16.04 -12.24 8.96
N SER A 462 -17.05 -12.78 8.30
CA SER A 462 -18.16 -11.89 7.99
C SER A 462 -18.90 -11.51 9.26
N ASP A 463 -18.98 -12.41 10.22
CA ASP A 463 -19.71 -12.01 11.42
C ASP A 463 -18.84 -11.70 12.63
N LYS A 464 -17.60 -11.26 12.45
CA LYS A 464 -16.73 -10.92 13.57
C LYS A 464 -16.81 -9.41 13.77
N HIS A 465 -16.46 -8.90 14.95
CA HIS A 465 -16.51 -7.46 15.15
C HIS A 465 -15.17 -6.87 15.43
N HIS A 466 -14.14 -7.72 15.55
CA HIS A 466 -12.78 -7.21 15.62
C HIS A 466 -12.02 -8.04 14.70
N ALA A 467 -10.87 -7.48 14.31
CA ALA A 467 -9.85 -8.19 13.58
C ALA A 467 -8.61 -7.43 13.89
N LEU A 468 -7.49 -8.14 13.67
CA LEU A 468 -6.17 -7.65 14.03
C LEU A 468 -5.32 -8.14 12.93
N PHE A 469 -4.81 -7.20 12.12
CA PHE A 469 -3.92 -7.41 10.99
C PHE A 469 -2.48 -7.17 11.41
N LEU A 470 -1.60 -8.07 11.03
CA LEU A 470 -0.24 -8.07 11.51
C LEU A 470 0.63 -8.12 10.34
N GLY A 471 1.41 -7.07 10.17
CA GLY A 471 2.53 -7.04 9.24
C GLY A 471 3.89 -6.80 9.88
N ARG A 472 4.93 -7.09 9.09
CA ARG A 472 6.29 -6.60 9.44
C ARG A 472 6.96 -5.81 8.32
N GLY A 473 8.13 -5.27 8.61
CA GLY A 473 8.86 -4.40 7.67
C GLY A 473 7.96 -3.75 6.59
N ASP A 474 8.18 -4.01 5.31
CA ASP A 474 7.39 -3.32 4.30
C ASP A 474 5.97 -3.92 4.08
N GLN A 475 5.70 -5.04 4.72
CA GLN A 475 4.39 -5.68 4.59
C GLN A 475 3.41 -5.06 5.64
N TYR A 476 3.94 -4.77 6.85
CA TYR A 476 3.24 -3.95 7.87
C TYR A 476 2.38 -2.74 7.32
N PRO A 477 2.95 -1.83 6.59
CA PRO A 477 2.03 -0.86 6.02
C PRO A 477 0.89 -1.52 5.16
N ILE A 478 1.01 -2.78 4.80
CA ILE A 478 -0.04 -3.42 3.97
C ILE A 478 -1.17 -3.90 4.90
N ALA A 479 -0.79 -4.31 6.13
CA ALA A 479 -1.71 -4.49 7.23
C ALA A 479 -2.49 -3.19 7.50
N LEU A 480 -1.80 -2.03 7.48
CA LEU A 480 -2.58 -0.81 7.69
C LEU A 480 -3.64 -0.72 6.58
N GLU A 481 -3.30 -1.13 5.39
CA GLU A 481 -4.25 -0.97 4.31
C GLU A 481 -5.34 -2.05 4.45
N GLY A 482 -4.92 -3.22 4.94
CA GLY A 482 -5.82 -4.32 5.29
C GLY A 482 -6.92 -3.92 6.27
N ALA A 483 -6.52 -3.75 7.54
CA ALA A 483 -7.27 -3.04 8.58
C ALA A 483 -8.14 -1.89 8.09
N LEU A 484 -7.55 -1.00 7.33
CA LEU A 484 -8.30 0.18 6.92
C LEU A 484 -9.57 -0.20 6.14
N LYS A 485 -9.41 -1.11 5.18
CA LYS A 485 -10.42 -1.40 4.20
C LYS A 485 -11.56 -2.11 4.90
N LEU A 486 -11.18 -2.90 5.92
CA LEU A 486 -12.13 -3.71 6.67
C LEU A 486 -12.90 -2.74 7.52
N LYS A 487 -12.21 -1.81 8.20
CA LYS A 487 -12.89 -0.77 8.94
C LYS A 487 -13.86 -0.10 7.98
N GLU A 488 -13.36 0.28 6.83
CA GLU A 488 -14.13 1.12 5.91
C GLU A 488 -15.37 0.58 5.26
N ILE A 489 -15.29 -0.64 4.72
CA ILE A 489 -16.43 -1.17 3.95
C ILE A 489 -17.24 -2.28 4.59
N SER A 490 -16.67 -2.86 5.63
CA SER A 490 -17.36 -3.88 6.41
C SER A 490 -17.67 -3.40 7.77
N TYR A 491 -17.29 -2.20 8.10
CA TYR A 491 -17.48 -1.71 9.49
C TYR A 491 -16.94 -2.59 10.62
N ILE A 492 -16.07 -3.55 10.39
CA ILE A 492 -15.53 -4.28 11.53
C ILE A 492 -14.42 -3.47 12.19
N HIS A 493 -14.25 -3.60 13.49
CA HIS A 493 -13.17 -2.84 14.08
C HIS A 493 -11.86 -3.52 13.67
N ALA A 494 -11.27 -3.18 12.52
CA ALA A 494 -9.98 -3.80 12.25
C ALA A 494 -8.74 -2.96 12.77
N GLU A 495 -7.76 -3.55 13.43
CA GLU A 495 -6.59 -2.77 13.78
C GLU A 495 -5.35 -3.46 13.31
N ALA A 496 -4.43 -2.70 12.67
CA ALA A 496 -3.14 -3.27 12.22
C ALA A 496 -2.10 -3.06 13.28
N TYR A 497 -1.05 -3.86 13.25
CA TYR A 497 -0.11 -3.91 14.35
C TYR A 497 1.25 -4.58 13.95
N ALA A 498 2.39 -4.05 14.39
CA ALA A 498 3.67 -4.64 14.06
C ALA A 498 3.69 -6.04 14.58
N ALA A 499 3.93 -7.00 13.71
CA ALA A 499 3.87 -8.40 14.08
C ALA A 499 4.69 -8.73 15.30
N GLY A 500 5.78 -7.99 15.54
CA GLY A 500 6.71 -8.31 16.62
C GLY A 500 6.05 -8.09 17.96
N GLU A 501 5.09 -7.18 17.88
CA GLU A 501 4.52 -6.47 19.00
C GLU A 501 3.24 -7.08 19.58
N LEU A 502 2.89 -8.25 19.08
CA LEU A 502 1.71 -8.97 19.50
C LEU A 502 1.56 -8.96 20.99
N LYS A 503 2.68 -9.15 21.65
CA LYS A 503 2.64 -9.43 23.06
C LYS A 503 2.82 -8.21 23.94
N HIS A 504 2.84 -7.03 23.34
CA HIS A 504 2.82 -5.79 24.11
C HIS A 504 1.49 -5.18 23.72
N GLY A 505 0.43 -5.82 24.22
CA GLY A 505 -0.90 -5.26 24.14
C GLY A 505 -1.95 -6.24 23.66
N PRO A 506 -2.11 -6.29 22.36
CA PRO A 506 -3.16 -7.04 21.65
C PRO A 506 -3.36 -8.51 21.99
N LEU A 507 -2.33 -9.25 22.24
CA LEU A 507 -2.60 -10.65 22.40
C LEU A 507 -3.68 -10.81 23.45
N ALA A 508 -3.56 -10.12 24.54
CA ALA A 508 -4.63 -10.21 25.51
C ALA A 508 -6.06 -9.87 24.99
N LEU A 509 -6.17 -9.14 23.92
CA LEU A 509 -7.45 -8.91 23.26
C LEU A 509 -8.02 -10.09 22.45
N ILE A 510 -7.17 -11.02 22.02
CA ILE A 510 -7.60 -12.10 21.10
C ILE A 510 -8.50 -13.18 21.75
N ASP A 511 -9.63 -13.44 21.12
CA ASP A 511 -10.44 -14.65 21.33
C ASP A 511 -11.14 -15.04 20.00
N ALA A 512 -12.26 -15.77 20.09
CA ALA A 512 -13.03 -16.16 18.88
C ALA A 512 -13.53 -15.02 18.10
N ASP A 513 -13.53 -13.82 18.66
CA ASP A 513 -14.08 -12.69 17.97
C ASP A 513 -13.07 -11.76 17.39
N MET A 514 -11.79 -12.04 17.55
CA MET A 514 -10.80 -11.23 16.85
C MET A 514 -9.90 -12.22 16.20
N PRO A 515 -10.17 -12.56 14.95
CA PRO A 515 -9.21 -13.35 14.19
C PRO A 515 -7.92 -12.52 14.07
N VAL A 516 -6.77 -13.13 14.06
CA VAL A 516 -5.54 -12.40 13.73
C VAL A 516 -5.11 -12.73 12.28
N ILE A 517 -5.09 -11.76 11.38
CA ILE A 517 -4.44 -12.01 10.05
C ILE A 517 -2.94 -11.60 10.02
N VAL A 518 -2.00 -12.43 9.52
CA VAL A 518 -0.61 -11.95 9.22
C VAL A 518 -0.34 -11.82 7.72
N VAL A 519 0.50 -10.87 7.36
CA VAL A 519 0.80 -10.70 5.97
C VAL A 519 2.22 -11.12 5.71
N ALA A 520 2.36 -12.29 5.04
CA ALA A 520 3.57 -12.68 4.39
C ALA A 520 4.70 -12.84 5.35
N PRO A 521 4.53 -13.53 6.46
CA PRO A 521 5.69 -13.68 7.35
C PRO A 521 6.76 -14.62 6.75
N ASN A 522 7.98 -14.48 7.24
CA ASN A 522 9.02 -15.44 6.98
C ASN A 522 8.93 -16.48 8.10
N ASN A 523 9.73 -17.54 8.01
CA ASN A 523 9.49 -18.71 8.84
C ASN A 523 9.70 -18.45 10.33
N GLU A 524 10.57 -17.50 10.62
CA GLU A 524 11.08 -17.24 11.98
C GLU A 524 10.01 -16.46 12.64
N LEU A 525 9.51 -15.47 11.92
CA LEU A 525 8.31 -14.76 12.36
C LEU A 525 7.19 -15.75 12.67
N LEU A 526 6.71 -16.44 11.64
CA LEU A 526 5.60 -17.36 11.87
C LEU A 526 5.82 -18.18 13.17
N GLU A 527 6.99 -18.78 13.33
CA GLU A 527 7.28 -19.48 14.58
C GLU A 527 6.91 -18.70 15.88
N LYS A 528 7.15 -17.42 15.91
CA LYS A 528 6.76 -16.67 17.06
C LYS A 528 5.23 -16.52 17.05
N LEU A 529 4.66 -16.13 15.91
CA LEU A 529 3.22 -15.92 15.97
C LEU A 529 2.48 -17.22 16.34
N LYS A 530 3.00 -18.35 15.86
CA LYS A 530 2.39 -19.65 16.09
C LYS A 530 2.30 -19.84 17.57
N SER A 531 3.43 -19.59 18.22
CA SER A 531 3.60 -19.70 19.67
C SER A 531 2.68 -18.73 20.40
N ASN A 532 2.60 -17.48 19.94
CA ASN A 532 1.62 -16.52 20.42
C ASN A 532 0.18 -17.03 20.39
N ILE A 533 -0.28 -17.43 19.21
CA ILE A 533 -1.66 -17.78 19.05
C ILE A 533 -1.97 -19.06 19.85
N GLU A 534 -0.97 -19.89 20.12
CA GLU A 534 -1.23 -21.11 20.87
C GLU A 534 -1.55 -20.76 22.30
N GLU A 535 -0.99 -19.62 22.74
CA GLU A 535 -1.20 -19.10 24.09
C GLU A 535 -2.58 -18.68 24.21
N VAL A 536 -3.37 -18.76 23.15
CA VAL A 536 -4.78 -18.37 23.25
C VAL A 536 -5.76 -19.33 22.55
N ARG A 537 -5.28 -20.55 22.19
CA ARG A 537 -6.20 -21.54 21.70
C ARG A 537 -7.40 -21.57 22.71
N ALA A 538 -7.16 -21.40 24.02
CA ALA A 538 -8.30 -21.52 24.94
C ALA A 538 -9.47 -20.53 24.77
N ARG A 539 -9.21 -19.30 24.35
CA ARG A 539 -10.27 -18.33 24.09
C ARG A 539 -10.80 -18.48 22.63
N GLY A 540 -10.35 -19.53 21.93
CA GLY A 540 -10.70 -19.73 20.52
C GLY A 540 -10.24 -18.63 19.54
N GLY A 541 -8.95 -18.32 19.58
CA GLY A 541 -8.39 -17.40 18.61
C GLY A 541 -7.70 -18.19 17.50
N GLN A 542 -7.67 -17.55 16.34
CA GLN A 542 -7.19 -18.12 15.10
C GLN A 542 -6.18 -17.20 14.43
N LEU A 543 -5.18 -17.80 13.88
CA LEU A 543 -4.26 -17.06 13.10
C LEU A 543 -4.55 -17.36 11.59
N TYR A 544 -4.89 -16.37 10.76
CA TYR A 544 -4.88 -16.60 9.29
C TYR A 544 -3.67 -15.95 8.61
N VAL A 545 -2.83 -16.79 8.00
CA VAL A 545 -1.52 -16.38 7.44
C VAL A 545 -1.53 -16.34 5.93
N PHE A 546 -1.20 -15.21 5.36
CA PHE A 546 -0.97 -15.18 3.90
C PHE A 546 0.51 -15.34 3.59
N ALA A 547 0.84 -16.47 2.97
CA ALA A 547 2.21 -16.81 2.67
C ALA A 547 2.41 -17.36 1.24
N ASP A 548 3.68 -17.43 0.83
CA ASP A 548 4.17 -18.06 -0.40
C ASP A 548 3.84 -19.55 -0.32
N GLN A 549 3.17 -20.13 -1.33
CA GLN A 549 3.00 -21.58 -1.38
C GLN A 549 4.40 -22.13 -1.31
N ASP A 550 5.28 -21.35 -1.85
CA ASP A 550 6.66 -21.68 -1.83
C ASP A 550 7.27 -21.80 -0.45
N ALA A 551 6.57 -21.47 0.61
CA ALA A 551 7.33 -21.46 1.88
C ALA A 551 7.09 -22.72 2.63
N GLY A 552 6.09 -23.46 2.14
CA GLY A 552 5.69 -24.74 2.70
C GLY A 552 5.19 -24.68 4.14
N PHE A 553 4.57 -23.59 4.55
CA PHE A 553 3.92 -23.64 5.83
C PHE A 553 2.73 -24.61 5.76
N VAL A 554 2.40 -25.24 6.90
CA VAL A 554 1.26 -26.13 7.03
C VAL A 554 0.35 -25.66 8.12
N SER A 555 -0.95 -25.67 7.83
CA SER A 555 -2.00 -25.35 8.77
C SER A 555 -1.95 -26.33 9.91
N SER A 556 -1.84 -25.85 11.13
CA SER A 556 -2.14 -26.69 12.28
C SER A 556 -3.57 -26.25 12.57
N ASP A 557 -4.25 -27.00 13.44
CA ASP A 557 -5.64 -26.68 13.76
C ASP A 557 -5.87 -25.19 13.99
N ASN A 558 -5.14 -24.47 14.86
CA ASN A 558 -5.51 -23.02 14.92
C ASN A 558 -4.70 -21.98 14.19
N MET A 559 -3.76 -22.42 13.37
CA MET A 559 -3.11 -21.54 12.39
C MET A 559 -3.59 -22.04 11.05
N HIS A 560 -4.05 -21.13 10.23
CA HIS A 560 -4.63 -21.48 8.95
C HIS A 560 -3.87 -20.80 7.90
N ILE A 561 -3.08 -21.57 7.11
CA ILE A 561 -2.37 -20.98 5.96
C ILE A 561 -3.24 -20.76 4.75
N ILE A 562 -3.32 -19.52 4.30
CA ILE A 562 -3.78 -19.18 2.94
C ILE A 562 -2.55 -18.94 2.05
N GLU A 563 -2.46 -19.80 1.06
CA GLU A 563 -1.30 -19.82 0.21
C GLU A 563 -1.55 -18.91 -0.97
N MET A 564 -0.52 -18.15 -1.35
CA MET A 564 -0.53 -17.35 -2.53
C MET A 564 0.59 -17.86 -3.37
N PRO A 565 0.60 -17.50 -4.67
CA PRO A 565 1.73 -17.76 -5.56
C PRO A 565 3.02 -17.03 -5.13
N HIS A 566 4.19 -17.55 -5.56
CA HIS A 566 5.43 -16.84 -5.38
C HIS A 566 5.37 -15.50 -6.12
N VAL A 567 6.04 -14.49 -5.58
CA VAL A 567 6.33 -13.26 -6.32
C VAL A 567 7.65 -12.68 -5.92
N GLU A 568 8.06 -11.70 -6.70
CA GLU A 568 9.40 -11.13 -6.56
C GLU A 568 9.35 -10.14 -5.39
N GLU A 569 10.24 -10.32 -4.40
CA GLU A 569 10.22 -9.62 -3.09
C GLU A 569 9.97 -8.11 -3.23
N VAL A 570 10.63 -7.50 -4.19
CA VAL A 570 10.51 -6.08 -4.45
C VAL A 570 9.06 -5.56 -4.53
N ILE A 571 8.18 -6.29 -5.25
CA ILE A 571 6.74 -5.99 -5.39
C ILE A 571 5.76 -6.72 -4.47
N ALA A 572 6.24 -7.54 -3.53
CA ALA A 572 5.39 -8.37 -2.72
C ALA A 572 4.30 -7.46 -2.15
N PRO A 573 4.69 -6.42 -1.39
CA PRO A 573 3.75 -5.46 -0.83
C PRO A 573 2.63 -5.12 -1.78
N ILE A 574 2.91 -4.99 -3.07
CA ILE A 574 1.82 -4.63 -3.91
C ILE A 574 0.89 -5.84 -4.16
N PHE A 575 1.47 -7.02 -4.37
CA PHE A 575 0.74 -8.24 -4.60
C PHE A 575 -0.28 -8.46 -3.44
N TYR A 576 0.26 -8.71 -2.24
CA TYR A 576 -0.51 -8.88 -1.04
C TYR A 576 -1.60 -7.80 -0.73
N THR A 577 -1.68 -6.75 -1.51
CA THR A 577 -2.71 -5.81 -1.18
C THR A 577 -4.03 -6.35 -1.62
N VAL A 578 -4.01 -7.16 -2.65
CA VAL A 578 -5.24 -7.43 -3.38
C VAL A 578 -6.10 -8.39 -2.59
N PRO A 579 -5.50 -9.40 -2.00
CA PRO A 579 -6.35 -10.33 -1.25
C PRO A 579 -7.04 -9.59 -0.10
N LEU A 580 -6.33 -8.69 0.58
CA LEU A 580 -6.94 -7.91 1.63
C LEU A 580 -8.03 -7.02 1.06
N GLN A 581 -7.81 -6.52 -0.14
CA GLN A 581 -8.89 -5.77 -0.75
C GLN A 581 -10.12 -6.65 -1.03
N LEU A 582 -9.89 -7.84 -1.55
CA LEU A 582 -10.98 -8.71 -1.99
C LEU A 582 -11.66 -9.20 -0.75
N LEU A 583 -10.83 -9.61 0.19
CA LEU A 583 -11.28 -9.97 1.49
C LEU A 583 -12.26 -8.97 2.04
N ALA A 584 -11.83 -7.74 2.31
CA ALA A 584 -12.73 -6.74 2.83
C ALA A 584 -13.94 -6.68 1.96
N TYR A 585 -13.74 -6.64 0.67
CA TYR A 585 -14.84 -6.47 -0.26
C TYR A 585 -15.89 -7.60 -0.05
N HIS A 586 -15.43 -8.84 -0.02
CA HIS A 586 -16.32 -9.96 0.25
C HIS A 586 -17.01 -9.95 1.62
N VAL A 587 -16.30 -9.55 2.66
CA VAL A 587 -16.99 -9.36 3.88
C VAL A 587 -18.14 -8.36 3.64
N ALA A 588 -17.81 -7.19 3.11
CA ALA A 588 -18.83 -6.22 2.81
C ALA A 588 -20.01 -6.83 2.00
N LEU A 589 -19.70 -7.74 1.08
CA LEU A 589 -20.71 -8.26 0.20
C LEU A 589 -21.67 -9.15 0.93
N ILE A 590 -21.11 -10.00 1.82
CA ILE A 590 -21.84 -10.91 2.67
C ILE A 590 -22.64 -10.12 3.70
N LYS A 591 -22.07 -9.10 4.35
CA LYS A 591 -22.89 -8.28 5.22
C LYS A 591 -23.83 -7.35 4.43
N GLY A 592 -23.74 -7.27 3.12
CA GLY A 592 -24.60 -6.36 2.42
C GLY A 592 -24.48 -4.89 2.81
N THR A 593 -23.26 -4.39 3.03
CA THR A 593 -23.07 -3.02 3.42
C THR A 593 -22.68 -2.20 2.24
N ASP A 594 -22.91 -0.90 2.34
CA ASP A 594 -22.78 -0.03 1.20
C ASP A 594 -21.33 0.12 0.74
N VAL A 595 -20.84 -0.88 0.03
CA VAL A 595 -19.45 -0.80 -0.51
C VAL A 595 -19.05 0.47 -1.25
N ASP A 596 -19.90 0.99 -2.13
CA ASP A 596 -19.39 2.08 -2.96
C ASP A 596 -19.35 3.36 -2.14
N GLN A 597 -20.49 3.84 -1.66
CA GLN A 597 -20.46 4.89 -0.64
C GLN A 597 -20.76 4.35 0.84
N PRO A 598 -19.70 3.92 1.54
CA PRO A 598 -19.86 3.35 2.90
C PRO A 598 -20.15 4.43 3.89
N ARG A 599 -20.70 4.10 5.06
CA ARG A 599 -21.21 5.11 5.99
C ARG A 599 -20.08 5.97 6.58
N ASN A 600 -20.37 7.25 6.83
CA ASN A 600 -19.39 8.22 7.27
C ASN A 600 -17.98 8.22 6.63
N LEU A 601 -17.83 8.25 5.30
CA LEU A 601 -16.47 8.25 4.70
C LEU A 601 -16.49 9.02 3.38
#